data_3GMS
#
_entry.id   3GMS
#
_cell.length_a   68.599
_cell.length_b   94.772
_cell.length_c   67.573
_cell.angle_alpha   90.000
_cell.angle_beta   112.970
_cell.angle_gamma   90.000
#
_symmetry.space_group_name_H-M   'C 1 2 1'
#
loop_
_entity.id
_entity.type
_entity.pdbx_description
1 polymer 'Putative NADPH:quinone reductase'
2 water water
#
_entity_poly.entity_id   1
_entity_poly.type   'polypeptide(L)'
_entity_poly.pdbx_seq_one_letter_code
;MSLHGKLIQFHKFGNPKDVLQVEYKNIEPLKDNEVFVRMLVRPINPSDLIPITGAYAHRIPLPNIPGYEGVGIVENVGAF
VSRELIGKRVLPLRGEGTWQEYVKTSADFVVPIPDSIDDFTAAQMYINPLTAWVTCTETLNLQRNDVLLVNACGSAIGHL
FAQLSQILNFRLIAVTRNNKHTEELLRLGAAYVIDTSTAPLYETVMELTNGIGADAAIDSIGGPDGNELAFSLRPNGHFL
TIGLLSGIQVNWAEIVTKAKVHANIFHLRHWNDEVSPYKWQETFRHLIRLVENEQLRFMKVHSTYELADVKAAVDVVQSA
EKTKGKVFLTSYEGHHHHHH
;
_entity_poly.pdbx_strand_id   A
#
# COMPACT_ATOMS: atom_id res chain seq x y z
N SER A 2 -34.12 12.42 6.51
CA SER A 2 -33.35 11.89 5.34
C SER A 2 -32.01 11.36 5.85
N LEU A 3 -31.51 10.34 5.18
CA LEU A 3 -30.29 9.64 5.60
C LEU A 3 -29.07 10.53 5.45
N HIS A 4 -28.29 10.60 6.54
CA HIS A 4 -27.08 11.40 6.61
C HIS A 4 -25.92 10.46 6.94
N GLY A 5 -24.72 10.85 6.55
CA GLY A 5 -23.55 10.01 6.76
C GLY A 5 -22.43 10.82 7.33
N LYS A 6 -21.68 10.23 8.24
CA LYS A 6 -20.55 10.91 8.82
C LYS A 6 -19.37 10.80 7.85
N LEU A 7 -18.47 11.77 7.90
CA LEU A 7 -17.28 11.73 7.01
C LEU A 7 -16.17 12.51 7.62
N ILE A 8 -14.93 12.12 7.30
CA ILE A 8 -13.77 12.94 7.62
C ILE A 8 -13.37 13.69 6.34
N GLN A 9 -13.16 15.00 6.45
CA GLN A 9 -12.88 15.88 5.33
C GLN A 9 -11.80 16.88 5.73
N PHE A 10 -11.00 17.34 4.76
CA PHE A 10 -10.15 18.52 4.93
C PHE A 10 -10.44 19.49 3.80
N HIS A 11 -10.44 20.77 4.16
CA HIS A 11 -10.80 21.85 3.22
C HIS A 11 -9.56 22.58 2.74
N LYS A 12 -8.44 22.38 3.42
CA LYS A 12 -7.16 22.89 3.00
C LYS A 12 -6.11 21.81 3.21
N PHE A 13 -5.01 21.88 2.44
CA PHE A 13 -3.89 21.01 2.69
C PHE A 13 -3.15 21.53 3.92
N GLY A 14 -2.48 20.62 4.62
CA GLY A 14 -1.61 20.99 5.75
C GLY A 14 -1.37 19.78 6.60
N ASN A 15 -0.86 19.99 7.81
CA ASN A 15 -0.68 18.90 8.77
C ASN A 15 -2.06 18.31 9.06
N PRO A 16 -2.18 16.96 8.99
CA PRO A 16 -3.51 16.39 9.22
C PRO A 16 -4.10 16.83 10.57
N LYS A 17 -3.26 17.02 11.58
CA LYS A 17 -3.78 17.47 12.89
C LYS A 17 -4.49 18.85 12.81
N ASP A 18 -4.11 19.67 11.85
CA ASP A 18 -4.68 21.03 11.68
C ASP A 18 -5.91 21.04 10.79
N VAL A 19 -5.98 20.11 9.82
CA VAL A 19 -6.99 20.26 8.76
C VAL A 19 -8.13 19.24 8.73
N LEU A 20 -7.96 18.09 9.39
CA LEU A 20 -8.99 17.07 9.36
C LEU A 20 -10.20 17.48 10.20
N GLN A 21 -11.39 17.36 9.64
CA GLN A 21 -12.63 17.67 10.38
C GLN A 21 -13.61 16.51 10.34
N VAL A 22 -14.35 16.34 11.43
CA VAL A 22 -15.43 15.36 11.45
C VAL A 22 -16.72 16.08 11.07
N GLU A 23 -17.41 15.61 10.02
CA GLU A 23 -18.57 16.31 9.48
C GLU A 23 -19.67 15.32 9.08
N TYR A 24 -20.82 15.84 8.65
CA TYR A 24 -21.94 15.01 8.24
C TYR A 24 -22.44 15.53 6.91
N LYS A 25 -22.95 14.64 6.07
CA LYS A 25 -23.48 15.05 4.78
C LYS A 25 -24.78 14.34 4.51
N ASN A 26 -25.66 14.99 3.75
CA ASN A 26 -26.82 14.28 3.26
C ASN A 26 -26.46 13.26 2.18
N ILE A 27 -27.13 12.12 2.17
CA ILE A 27 -26.82 11.04 1.23
C ILE A 27 -27.62 11.21 -0.06
N GLU A 28 -26.92 11.41 -1.18
CA GLU A 28 -27.56 11.63 -2.48
C GLU A 28 -28.04 10.30 -3.07
N PRO A 29 -29.00 10.33 -4.00
CA PRO A 29 -29.40 9.11 -4.73
C PRO A 29 -28.25 8.48 -5.50
N LEU A 30 -28.31 7.17 -5.70
CA LEU A 30 -27.24 6.43 -6.37
C LEU A 30 -27.33 6.52 -7.89
N LYS A 31 -26.18 6.61 -8.57
CA LYS A 31 -26.14 6.61 -10.03
C LYS A 31 -26.22 5.18 -10.53
N ASP A 32 -26.49 5.03 -11.84
CA ASP A 32 -26.79 3.71 -12.40
C ASP A 32 -25.80 2.57 -12.12
N ASN A 33 -24.49 2.83 -12.13
CA ASN A 33 -23.52 1.75 -11.94
C ASN A 33 -22.81 1.80 -10.58
N GLU A 34 -23.39 2.52 -9.62
CA GLU A 34 -22.76 2.73 -8.30
C GLU A 34 -23.13 1.66 -7.25
N VAL A 35 -22.20 1.43 -6.32
CA VAL A 35 -22.43 0.51 -5.22
C VAL A 35 -22.25 1.36 -3.95
N PHE A 36 -23.13 1.19 -2.97
CA PHE A 36 -23.18 2.05 -1.79
C PHE A 36 -22.83 1.16 -0.57
N VAL A 37 -21.73 1.45 0.13
CA VAL A 37 -21.17 0.49 1.06
C VAL A 37 -21.03 1.12 2.44
N ARG A 38 -21.61 0.49 3.47
CA ARG A 38 -21.42 0.96 4.86
C ARG A 38 -20.06 0.40 5.34
N MET A 39 -19.09 1.27 5.61
CA MET A 39 -17.72 0.85 6.02
C MET A 39 -17.65 0.24 7.42
N LEU A 40 -16.78 -0.76 7.57
CA LEU A 40 -16.54 -1.41 8.85
C LEU A 40 -15.20 -0.95 9.33
N VAL A 41 -14.18 -1.08 8.48
CA VAL A 41 -12.78 -0.91 8.96
C VAL A 41 -11.95 -0.31 7.82
N ARG A 42 -11.15 0.71 8.14
CA ARG A 42 -10.10 1.14 7.15
C ARG A 42 -8.77 1.27 7.91
N PRO A 43 -7.64 0.95 7.24
CA PRO A 43 -6.34 1.21 7.86
C PRO A 43 -6.04 2.70 7.71
N ILE A 44 -5.15 3.21 8.55
CA ILE A 44 -4.51 4.48 8.30
C ILE A 44 -3.14 4.18 7.71
N ASN A 45 -3.04 4.27 6.40
CA ASN A 45 -1.74 4.05 5.77
C ASN A 45 -0.96 5.38 5.71
N PRO A 46 0.38 5.34 5.94
CA PRO A 46 1.18 6.53 5.62
C PRO A 46 0.85 7.15 4.25
N SER A 47 0.52 6.34 3.25
CA SER A 47 0.16 6.86 1.93
C SER A 47 -1.22 7.56 1.86
N ASP A 48 -2.07 7.33 2.86
CA ASP A 48 -3.34 8.07 2.96
C ASP A 48 -3.05 9.51 3.43
N LEU A 49 -1.97 9.70 4.17
CA LEU A 49 -1.67 11.04 4.71
C LEU A 49 -1.01 12.01 3.74
N ILE A 50 -0.21 11.47 2.82
CA ILE A 50 0.50 12.29 1.83
C ILE A 50 -0.42 13.29 1.08
N PRO A 51 -1.59 12.82 0.58
CA PRO A 51 -2.42 13.83 -0.11
C PRO A 51 -2.90 14.97 0.79
N ILE A 52 -3.07 14.71 2.09
CA ILE A 52 -3.58 15.70 3.00
C ILE A 52 -2.58 16.85 3.04
N THR A 53 -1.29 16.54 3.00
CA THR A 53 -0.24 17.54 3.12
C THR A 53 -0.08 18.49 1.94
N GLY A 54 -0.75 18.23 0.82
CA GLY A 54 -0.67 19.08 -0.35
C GLY A 54 0.39 18.71 -1.36
N ALA A 55 1.17 17.67 -1.08
CA ALA A 55 2.16 17.15 -2.05
C ALA A 55 1.60 16.95 -3.49
N TYR A 56 0.30 16.68 -3.62
CA TYR A 56 -0.38 16.51 -4.94
C TYR A 56 -1.50 17.54 -5.13
N ALA A 57 -1.18 18.81 -4.82
CA ALA A 57 -2.13 19.92 -4.92
C ALA A 57 -2.95 19.97 -6.22
N HIS A 58 -2.28 19.70 -7.34
CA HIS A 58 -2.91 19.92 -8.64
C HIS A 58 -3.88 18.81 -9.03
N ARG A 59 -3.73 17.63 -8.42
CA ARG A 59 -4.62 16.54 -8.75
C ARG A 59 -5.64 16.15 -7.67
N ILE A 60 -5.52 16.70 -6.47
CA ILE A 60 -6.53 16.42 -5.42
C ILE A 60 -7.37 17.67 -5.21
N PRO A 61 -8.65 17.64 -5.60
CA PRO A 61 -9.61 18.73 -5.41
C PRO A 61 -9.94 18.84 -3.94
N LEU A 62 -10.19 20.07 -3.48
CA LEU A 62 -10.63 20.31 -2.10
C LEU A 62 -12.09 20.74 -2.10
N PRO A 63 -12.86 20.34 -1.09
CA PRO A 63 -12.42 19.53 0.02
C PRO A 63 -12.30 18.06 -0.40
N ASN A 64 -11.62 17.26 0.42
CA ASN A 64 -11.42 15.87 0.02
C ASN A 64 -11.61 14.95 1.22
N ILE A 65 -12.07 13.72 0.95
CA ILE A 65 -12.21 12.70 2.01
C ILE A 65 -11.00 11.75 1.92
N PRO A 66 -10.19 11.65 2.98
CA PRO A 66 -9.02 10.76 2.79
C PRO A 66 -9.36 9.25 2.82
N GLY A 67 -8.35 8.43 2.50
CA GLY A 67 -8.49 6.98 2.60
C GLY A 67 -8.66 6.27 1.27
N TYR A 68 -7.73 5.37 1.02
CA TYR A 68 -7.76 4.60 -0.25
C TYR A 68 -8.29 3.22 -0.09
N GLU A 69 -8.36 2.72 1.13
CA GLU A 69 -8.82 1.33 1.26
C GLU A 69 -9.66 1.04 2.52
N GLY A 70 -10.15 -0.19 2.59
CA GLY A 70 -10.99 -0.63 3.71
C GLY A 70 -12.08 -1.58 3.22
N VAL A 71 -12.85 -2.11 4.17
CA VAL A 71 -13.84 -3.12 3.86
C VAL A 71 -15.18 -2.65 4.44
N GLY A 72 -16.29 -3.03 3.79
CA GLY A 72 -17.63 -2.70 4.31
C GLY A 72 -18.66 -3.63 3.72
N ILE A 73 -19.93 -3.32 4.01
CA ILE A 73 -21.09 -4.14 3.58
C ILE A 73 -21.92 -3.34 2.59
N VAL A 74 -22.23 -3.95 1.44
CA VAL A 74 -23.05 -3.29 0.45
C VAL A 74 -24.44 -3.15 1.02
N GLU A 75 -24.94 -1.91 1.02
CA GLU A 75 -26.30 -1.57 1.52
CA GLU A 75 -26.30 -1.68 1.50
C GLU A 75 -27.28 -1.32 0.39
N ASN A 76 -26.78 -0.81 -0.72
CA ASN A 76 -27.65 -0.48 -1.87
C ASN A 76 -26.81 -0.44 -3.13
N VAL A 77 -27.45 -0.57 -4.28
CA VAL A 77 -26.78 -0.50 -5.57
C VAL A 77 -27.65 0.32 -6.53
N GLY A 78 -27.03 0.90 -7.55
CA GLY A 78 -27.74 1.66 -8.57
C GLY A 78 -28.45 0.78 -9.58
N ALA A 79 -29.24 1.42 -10.45
CA ALA A 79 -30.18 0.71 -11.34
C ALA A 79 -29.61 -0.44 -12.17
N PHE A 80 -28.36 -0.32 -12.62
CA PHE A 80 -27.79 -1.31 -13.54
C PHE A 80 -27.01 -2.42 -12.85
N VAL A 81 -26.98 -2.40 -11.52
CA VAL A 81 -26.16 -3.33 -10.75
C VAL A 81 -27.04 -4.44 -10.18
N SER A 82 -26.48 -5.65 -10.14
CA SER A 82 -27.16 -6.80 -9.54
C SER A 82 -27.43 -6.58 -8.05
N ARG A 83 -28.70 -6.77 -7.65
CA ARG A 83 -29.09 -6.49 -6.28
C ARG A 83 -28.69 -7.61 -5.32
N GLU A 84 -28.20 -8.72 -5.88
CA GLU A 84 -27.62 -9.84 -5.09
C GLU A 84 -26.38 -9.40 -4.33
N LEU A 85 -25.79 -8.30 -4.78
CA LEU A 85 -24.62 -7.73 -4.13
C LEU A 85 -24.97 -7.16 -2.77
N ILE A 86 -26.22 -6.75 -2.55
CA ILE A 86 -26.59 -6.18 -1.28
C ILE A 86 -26.35 -7.18 -0.15
N GLY A 87 -25.71 -6.75 0.94
CA GLY A 87 -25.40 -7.65 2.03
C GLY A 87 -24.01 -8.24 1.98
N LYS A 88 -23.33 -8.16 0.83
CA LYS A 88 -22.00 -8.77 0.65
C LYS A 88 -20.91 -7.89 1.27
N ARG A 89 -19.86 -8.50 1.84
CA ARG A 89 -18.67 -7.77 2.30
C ARG A 89 -17.72 -7.57 1.11
N VAL A 90 -17.27 -6.33 0.94
CA VAL A 90 -16.53 -5.91 -0.25
C VAL A 90 -15.49 -4.85 0.09
N LEU A 91 -14.48 -4.72 -0.77
CA LEU A 91 -13.64 -3.50 -0.74
C LEU A 91 -14.18 -2.51 -1.77
N PRO A 92 -14.68 -1.35 -1.33
CA PRO A 92 -15.19 -0.42 -2.36
C PRO A 92 -14.09 0.55 -2.87
N LEU A 93 -13.30 0.10 -3.83
CA LEU A 93 -12.04 0.80 -4.15
C LEU A 93 -12.23 1.70 -5.37
N ARG A 94 -11.30 2.63 -5.58
CA ARG A 94 -11.23 3.51 -6.77
C ARG A 94 -12.49 4.34 -6.95
N GLY A 95 -13.08 4.74 -5.83
CA GLY A 95 -14.26 5.61 -5.82
C GLY A 95 -13.98 6.69 -4.81
N GLU A 96 -14.94 6.90 -3.91
CA GLU A 96 -14.81 7.93 -2.90
C GLU A 96 -13.79 7.60 -1.83
N GLY A 97 -13.36 8.63 -1.10
CA GLY A 97 -12.52 8.43 0.07
C GLY A 97 -13.13 7.51 1.07
N THR A 98 -12.31 6.68 1.70
CA THR A 98 -12.90 5.65 2.54
C THR A 98 -13.08 6.02 3.97
N TRP A 99 -12.50 7.14 4.41
CA TRP A 99 -12.65 7.48 5.81
C TRP A 99 -13.97 8.18 6.06
N GLN A 100 -15.04 7.45 5.81
CA GLN A 100 -16.38 7.96 6.01
C GLN A 100 -17.32 6.79 6.25
N GLU A 101 -18.53 7.12 6.66
CA GLU A 101 -19.47 6.12 7.11
C GLU A 101 -19.91 5.29 5.91
N TYR A 102 -20.21 5.96 4.81
CA TYR A 102 -20.67 5.30 3.60
C TYR A 102 -19.81 5.69 2.41
N VAL A 103 -19.44 4.70 1.60
CA VAL A 103 -18.56 4.92 0.44
C VAL A 103 -19.23 4.39 -0.83
N LYS A 104 -19.23 5.20 -1.88
CA LYS A 104 -19.67 4.73 -3.21
C LYS A 104 -18.52 4.59 -4.16
N THR A 105 -18.63 3.61 -5.06
CA THR A 105 -17.69 3.47 -6.14
C THR A 105 -18.42 2.73 -7.28
N SER A 106 -17.80 2.70 -8.44
CA SER A 106 -18.35 1.94 -9.57
C SER A 106 -18.38 0.43 -9.27
N ALA A 107 -19.45 -0.24 -9.69
CA ALA A 107 -19.49 -1.72 -9.61
C ALA A 107 -18.23 -2.42 -10.13
N ASP A 108 -17.60 -1.84 -11.17
CA ASP A 108 -16.38 -2.41 -11.75
C ASP A 108 -15.26 -2.67 -10.76
N PHE A 109 -15.23 -1.89 -9.70
CA PHE A 109 -14.05 -1.87 -8.83
C PHE A 109 -14.38 -2.35 -7.43
N VAL A 110 -15.58 -2.92 -7.26
CA VAL A 110 -15.96 -3.54 -6.01
C VAL A 110 -15.31 -4.93 -5.90
N VAL A 111 -14.50 -5.15 -4.87
CA VAL A 111 -13.84 -6.44 -4.68
C VAL A 111 -14.55 -7.29 -3.63
N PRO A 112 -15.16 -8.42 -4.05
CA PRO A 112 -15.82 -9.32 -3.09
C PRO A 112 -14.81 -9.94 -2.15
N ILE A 113 -15.17 -10.04 -0.86
CA ILE A 113 -14.31 -10.65 0.15
C ILE A 113 -15.00 -11.92 0.70
N PRO A 114 -14.31 -13.06 0.71
CA PRO A 114 -14.93 -14.33 1.19
C PRO A 114 -15.03 -14.36 2.72
N ASP A 115 -15.95 -15.17 3.24
CA ASP A 115 -16.20 -15.26 4.67
C ASP A 115 -14.94 -15.68 5.47
N SER A 116 -14.07 -16.40 4.80
CA SER A 116 -12.78 -16.86 5.32
CA SER A 116 -12.80 -16.86 5.38
C SER A 116 -11.83 -15.75 5.82
N ILE A 117 -11.99 -14.55 5.29
CA ILE A 117 -11.04 -13.46 5.56
C ILE A 117 -11.62 -12.43 6.52
N ASP A 118 -10.96 -12.20 7.65
CA ASP A 118 -11.50 -11.26 8.66
C ASP A 118 -11.41 -9.80 8.15
N ASP A 119 -12.19 -8.91 8.75
CA ASP A 119 -12.25 -7.49 8.32
C ASP A 119 -10.88 -6.79 8.34
N PHE A 120 -10.04 -7.09 9.32
CA PHE A 120 -8.77 -6.36 9.44
C PHE A 120 -7.74 -6.79 8.42
N THR A 121 -7.78 -8.07 8.08
CA THR A 121 -6.98 -8.57 6.97
C THR A 121 -7.51 -7.98 5.67
N ALA A 122 -8.84 -8.06 5.45
CA ALA A 122 -9.42 -7.52 4.24
C ALA A 122 -9.12 -6.02 4.05
N ALA A 123 -9.12 -5.30 5.14
CA ALA A 123 -8.91 -3.87 5.10
C ALA A 123 -7.48 -3.49 4.65
N GLN A 124 -6.60 -4.49 4.53
CA GLN A 124 -5.20 -4.27 4.16
C GLN A 124 -4.84 -4.87 2.81
N MET A 125 -5.88 -5.31 2.07
CA MET A 125 -5.67 -6.11 0.86
C MET A 125 -5.18 -5.33 -0.38
N TYR A 126 -5.39 -4.02 -0.40
CA TYR A 126 -5.21 -3.23 -1.62
C TYR A 126 -3.82 -2.64 -1.77
N ILE A 127 -3.51 -1.59 -1.03
CA ILE A 127 -2.39 -0.78 -1.42
C ILE A 127 -1.02 -1.49 -1.38
N ASN A 128 -0.65 -2.04 -0.24
CA ASN A 128 0.63 -2.72 -0.11
C ASN A 128 0.72 -4.07 -0.89
N PRO A 129 -0.32 -4.94 -0.80
CA PRO A 129 -0.23 -6.22 -1.51
C PRO A 129 -0.25 -6.03 -3.01
N LEU A 130 -1.18 -5.21 -3.52
CA LEU A 130 -1.21 -5.00 -4.96
C LEU A 130 0.10 -4.36 -5.53
N THR A 131 0.66 -3.38 -4.82
CA THR A 131 1.94 -2.78 -5.18
C THR A 131 3.07 -3.81 -5.17
N ALA A 132 3.16 -4.60 -4.10
CA ALA A 132 4.21 -5.60 -4.00
C ALA A 132 4.04 -6.66 -5.12
N TRP A 133 2.82 -7.14 -5.33
CA TRP A 133 2.54 -8.19 -6.34
C TRP A 133 2.83 -7.74 -7.76
N VAL A 134 2.30 -6.57 -8.11
CA VAL A 134 2.51 -5.99 -9.44
C VAL A 134 3.99 -5.68 -9.76
N THR A 135 4.67 -4.98 -8.86
CA THR A 135 6.09 -4.64 -9.07
C THR A 135 6.91 -5.94 -9.26
N CYS A 136 6.66 -6.97 -8.44
CA CYS A 136 7.34 -8.26 -8.57
C CYS A 136 6.99 -9.01 -9.88
N THR A 137 5.73 -9.06 -10.24
CA THR A 137 5.36 -9.98 -11.30
C THR A 137 5.25 -9.32 -12.67
N GLU A 138 5.10 -8.00 -12.69
CA GLU A 138 4.87 -7.30 -13.94
C GLU A 138 5.93 -6.28 -14.22
N THR A 139 6.13 -5.33 -13.31
CA THR A 139 6.98 -4.19 -13.59
C THR A 139 8.45 -4.64 -13.64
N LEU A 140 8.84 -5.47 -12.69
CA LEU A 140 10.18 -6.05 -12.71
C LEU A 140 10.19 -7.44 -13.36
N ASN A 141 9.04 -8.10 -13.37
CA ASN A 141 8.91 -9.47 -13.85
C ASN A 141 10.08 -10.35 -13.39
N LEU A 142 10.20 -10.50 -12.08
CA LEU A 142 11.34 -11.20 -11.48
C LEU A 142 11.30 -12.67 -11.86
N GLN A 143 12.50 -13.19 -12.11
CA GLN A 143 12.68 -14.58 -12.52
C GLN A 143 13.19 -15.38 -11.34
N ARG A 144 13.02 -16.69 -11.42
CA ARG A 144 13.57 -17.59 -10.40
C ARG A 144 15.04 -17.24 -10.07
N ASN A 145 15.32 -17.07 -8.80
CA ASN A 145 16.66 -16.77 -8.28
C ASN A 145 17.19 -15.35 -8.52
N ASP A 146 16.38 -14.46 -9.09
CA ASP A 146 16.82 -13.07 -9.17
C ASP A 146 17.06 -12.54 -7.78
N VAL A 147 17.96 -11.57 -7.70
CA VAL A 147 18.27 -10.88 -6.46
C VAL A 147 17.62 -9.50 -6.43
N LEU A 148 16.67 -9.31 -5.50
CA LEU A 148 15.91 -8.05 -5.35
C LEU A 148 16.38 -7.33 -4.09
N LEU A 149 16.70 -6.04 -4.21
CA LEU A 149 16.95 -5.15 -3.06
C LEU A 149 15.68 -4.34 -2.78
N VAL A 150 15.31 -4.24 -1.50
CA VAL A 150 14.18 -3.38 -1.09
C VAL A 150 14.61 -2.59 0.14
N ASN A 151 14.65 -1.27 0.03
CA ASN A 151 14.92 -0.46 1.21
C ASN A 151 13.66 -0.06 1.98
N ALA A 152 13.85 0.64 3.11
CA ALA A 152 12.76 0.86 4.08
C ALA A 152 11.95 -0.43 4.30
N CYS A 153 12.68 -1.56 4.43
CA CYS A 153 12.04 -2.85 4.33
C CYS A 153 11.33 -3.24 5.61
N GLY A 154 11.52 -2.47 6.67
CA GLY A 154 10.74 -2.69 7.90
C GLY A 154 9.29 -2.24 7.79
N SER A 155 8.94 -1.60 6.70
CA SER A 155 7.55 -1.21 6.41
C SER A 155 6.57 -2.39 6.19
N ALA A 156 5.26 -2.09 6.14
CA ALA A 156 4.28 -3.11 5.81
C ALA A 156 4.61 -3.75 4.48
N ILE A 157 4.92 -2.93 3.48
CA ILE A 157 5.18 -3.49 2.14
C ILE A 157 6.47 -4.34 2.14
N GLY A 158 7.45 -3.92 2.93
CA GLY A 158 8.69 -4.70 3.12
C GLY A 158 8.44 -6.13 3.58
N HIS A 159 7.54 -6.28 4.55
CA HIS A 159 7.16 -7.60 5.05
C HIS A 159 6.49 -8.42 3.97
N LEU A 160 5.80 -7.75 3.05
CA LEU A 160 5.18 -8.47 1.95
C LEU A 160 6.21 -8.95 0.90
N PHE A 161 7.17 -8.08 0.60
CA PHE A 161 8.23 -8.48 -0.35
C PHE A 161 8.97 -9.74 0.17
N ALA A 162 9.17 -9.81 1.49
CA ALA A 162 9.83 -10.98 2.11
C ALA A 162 9.04 -12.23 1.84
N GLN A 163 7.72 -12.16 2.03
CA GLN A 163 6.89 -13.31 1.72
C GLN A 163 6.82 -13.64 0.24
N LEU A 164 6.65 -12.62 -0.61
CA LEU A 164 6.66 -12.86 -2.06
C LEU A 164 7.97 -13.52 -2.56
N SER A 165 9.08 -13.24 -1.89
CA SER A 165 10.33 -13.92 -2.34
C SER A 165 10.19 -15.47 -2.25
N GLN A 166 9.47 -15.94 -1.22
CA GLN A 166 9.23 -17.37 -1.03
C GLN A 166 8.23 -17.86 -2.02
N ILE A 167 7.13 -17.10 -2.19
CA ILE A 167 6.09 -17.47 -3.15
C ILE A 167 6.60 -17.52 -4.60
N LEU A 168 7.40 -16.54 -4.97
CA LEU A 168 7.85 -16.39 -6.37
C LEU A 168 9.29 -16.86 -6.60
N ASN A 169 9.90 -17.43 -5.56
CA ASN A 169 11.25 -18.04 -5.65
C ASN A 169 12.33 -17.10 -6.14
N PHE A 170 12.48 -15.95 -5.49
CA PHE A 170 13.58 -15.05 -5.76
C PHE A 170 14.21 -14.75 -4.45
N ARG A 171 15.37 -14.09 -4.50
CA ARG A 171 16.18 -13.87 -3.33
C ARG A 171 16.01 -12.41 -2.92
N LEU A 172 15.48 -12.18 -1.71
CA LEU A 172 15.35 -10.82 -1.22
C LEU A 172 16.47 -10.41 -0.29
N ILE A 173 17.12 -9.32 -0.64
CA ILE A 173 17.96 -8.64 0.29
C ILE A 173 17.24 -7.41 0.85
N ALA A 174 16.78 -7.55 2.10
CA ALA A 174 16.14 -6.45 2.82
C ALA A 174 17.15 -5.44 3.30
N VAL A 175 16.86 -4.17 3.03
CA VAL A 175 17.67 -3.04 3.53
C VAL A 175 16.83 -2.23 4.50
N THR A 176 17.31 -2.11 5.74
CA THR A 176 16.57 -1.46 6.81
C THR A 176 17.44 -0.39 7.49
N ARG A 177 16.77 0.56 8.16
CA ARG A 177 17.43 1.64 8.88
C ARG A 177 17.96 1.21 10.25
N ASN A 178 17.46 0.08 10.74
CA ASN A 178 17.78 -0.42 12.08
C ASN A 178 17.43 -1.90 12.18
N ASN A 179 17.51 -2.45 13.39
CA ASN A 179 17.30 -3.89 13.54
C ASN A 179 15.91 -4.26 14.04
N LYS A 180 15.01 -3.29 14.10
CA LYS A 180 13.66 -3.48 14.69
C LYS A 180 12.81 -4.54 14.03
N HIS A 181 12.98 -4.73 12.72
CA HIS A 181 12.19 -5.73 12.00
C HIS A 181 12.99 -6.94 11.51
N THR A 182 14.26 -7.03 11.87
CA THR A 182 15.16 -8.04 11.32
C THR A 182 14.63 -9.45 11.52
N GLU A 183 14.27 -9.79 12.76
CA GLU A 183 13.79 -11.14 13.06
C GLU A 183 12.54 -11.46 12.26
N GLU A 184 11.59 -10.53 12.22
CA GLU A 184 10.34 -10.74 11.50
C GLU A 184 10.64 -10.94 10.00
N LEU A 185 11.46 -10.06 9.43
CA LEU A 185 11.81 -10.20 7.99
C LEU A 185 12.47 -11.54 7.67
N LEU A 186 13.45 -11.97 8.47
CA LEU A 186 14.00 -13.30 8.25
C LEU A 186 12.97 -14.43 8.34
N ARG A 187 12.13 -14.42 9.38
CA ARG A 187 11.04 -15.39 9.54
C ARG A 187 10.15 -15.45 8.33
N LEU A 188 9.84 -14.28 7.79
CA LEU A 188 8.93 -14.18 6.65
C LEU A 188 9.59 -14.59 5.36
N GLY A 189 10.91 -14.69 5.35
CA GLY A 189 11.54 -15.15 4.14
C GLY A 189 12.63 -14.35 3.48
N ALA A 190 13.05 -13.24 4.09
CA ALA A 190 14.14 -12.47 3.56
C ALA A 190 15.45 -13.28 3.65
N ALA A 191 16.20 -13.31 2.54
CA ALA A 191 17.48 -14.03 2.51
C ALA A 191 18.58 -13.40 3.38
N TYR A 192 18.52 -12.09 3.54
CA TYR A 192 19.48 -11.34 4.33
C TYR A 192 18.87 -9.98 4.67
N VAL A 193 19.29 -9.40 5.78
CA VAL A 193 18.83 -8.09 6.14
C VAL A 193 20.05 -7.24 6.35
N ILE A 194 20.16 -6.20 5.54
CA ILE A 194 21.20 -5.19 5.72
C ILE A 194 20.72 -4.02 6.57
N ASP A 195 21.27 -3.95 7.77
CA ASP A 195 20.93 -2.89 8.69
C ASP A 195 21.96 -1.82 8.50
N THR A 196 21.54 -0.72 7.87
CA THR A 196 22.45 0.35 7.47
C THR A 196 22.93 1.25 8.62
N SER A 197 22.40 1.07 9.82
CA SER A 197 23.00 1.74 10.97
C SER A 197 24.25 0.96 11.42
N THR A 198 24.40 -0.26 10.90
CA THR A 198 25.49 -1.17 11.31
C THR A 198 26.40 -1.64 10.17
N ALA A 199 25.84 -1.76 8.96
CA ALA A 199 26.56 -2.33 7.82
C ALA A 199 26.50 -1.40 6.58
N PRO A 200 27.57 -1.35 5.76
CA PRO A 200 27.54 -0.49 4.57
C PRO A 200 26.70 -1.11 3.45
N LEU A 201 25.80 -0.32 2.83
CA LEU A 201 24.90 -0.92 1.84
C LEU A 201 25.64 -1.49 0.63
N TYR A 202 26.33 -0.64 -0.13
CA TYR A 202 26.99 -1.09 -1.37
C TYR A 202 27.94 -2.28 -1.17
N GLU A 203 28.85 -2.16 -0.20
CA GLU A 203 29.82 -3.24 -0.01
C GLU A 203 29.19 -4.59 0.37
N THR A 204 28.11 -4.55 1.17
CA THR A 204 27.48 -5.80 1.61
C THR A 204 26.77 -6.46 0.46
N VAL A 205 26.08 -5.67 -0.37
CA VAL A 205 25.43 -6.27 -1.54
C VAL A 205 26.47 -6.92 -2.45
N MET A 206 27.59 -6.21 -2.59
CA MET A 206 28.72 -6.72 -3.40
C MET A 206 29.23 -8.07 -2.83
N GLU A 207 29.37 -8.17 -1.52
CA GLU A 207 29.72 -9.47 -0.90
C GLU A 207 28.65 -10.53 -1.17
N LEU A 208 27.36 -10.14 -1.00
CA LEU A 208 26.29 -11.12 -1.09
C LEU A 208 26.08 -11.60 -2.49
N THR A 209 26.49 -10.78 -3.47
CA THR A 209 26.31 -11.13 -4.88
C THR A 209 27.63 -11.51 -5.59
N ASN A 210 28.69 -11.73 -4.81
CA ASN A 210 29.97 -12.16 -5.42
C ASN A 210 30.47 -11.14 -6.47
N GLY A 211 30.33 -9.86 -6.14
CA GLY A 211 30.79 -8.80 -7.00
C GLY A 211 29.98 -8.49 -8.24
N ILE A 212 28.82 -9.10 -8.38
CA ILE A 212 28.02 -8.95 -9.60
C ILE A 212 27.01 -7.81 -9.49
N GLY A 213 26.52 -7.58 -8.27
CA GLY A 213 25.42 -6.65 -8.00
C GLY A 213 24.10 -7.38 -8.10
N ALA A 214 23.03 -6.76 -7.57
CA ALA A 214 21.70 -7.34 -7.60
C ALA A 214 21.05 -7.12 -8.96
N ASP A 215 19.95 -7.85 -9.19
CA ASP A 215 19.21 -7.79 -10.43
C ASP A 215 18.22 -6.65 -10.50
N ALA A 216 17.58 -6.33 -9.36
CA ALA A 216 16.57 -5.30 -9.30
C ALA A 216 16.55 -4.63 -7.93
N ALA A 217 16.03 -3.42 -7.87
CA ALA A 217 15.94 -2.70 -6.59
C ALA A 217 14.66 -1.88 -6.54
N ILE A 218 14.07 -1.84 -5.34
CA ILE A 218 12.86 -1.04 -5.11
C ILE A 218 13.18 -0.04 -4.03
N ASP A 219 13.16 1.23 -4.42
CA ASP A 219 13.47 2.37 -3.54
C ASP A 219 12.20 3.09 -3.07
N SER A 220 12.08 3.20 -1.75
CA SER A 220 11.01 3.93 -1.08
C SER A 220 11.50 5.28 -0.52
N ILE A 221 12.81 5.50 -0.53
CA ILE A 221 13.41 6.61 0.21
C ILE A 221 13.89 7.76 -0.65
N GLY A 222 14.60 7.44 -1.73
CA GLY A 222 15.19 8.49 -2.58
C GLY A 222 16.50 9.06 -2.02
N GLY A 223 16.92 10.20 -2.58
CA GLY A 223 18.16 10.89 -2.16
C GLY A 223 19.39 9.98 -2.22
N PRO A 224 20.36 10.22 -1.32
CA PRO A 224 21.58 9.41 -1.22
C PRO A 224 21.34 7.90 -1.02
N ASP A 225 20.34 7.56 -0.21
CA ASP A 225 19.95 6.15 0.04
C ASP A 225 19.51 5.50 -1.27
N GLY A 226 18.59 6.15 -2.01
CA GLY A 226 18.21 5.58 -3.30
C GLY A 226 19.36 5.42 -4.30
N ASN A 227 20.23 6.43 -4.35
CA ASN A 227 21.37 6.43 -5.29
C ASN A 227 22.29 5.26 -4.98
N GLU A 228 22.55 5.07 -3.70
CA GLU A 228 23.38 3.93 -3.32
C GLU A 228 22.69 2.61 -3.64
N LEU A 229 21.35 2.54 -3.51
CA LEU A 229 20.63 1.32 -3.87
C LEU A 229 20.74 1.01 -5.38
N ALA A 230 20.61 2.04 -6.21
CA ALA A 230 20.72 1.87 -7.67
C ALA A 230 22.14 1.41 -8.03
N PHE A 231 23.12 2.02 -7.40
CA PHE A 231 24.51 1.61 -7.68
C PHE A 231 24.87 0.20 -7.21
N SER A 232 24.02 -0.42 -6.40
CA SER A 232 24.27 -1.81 -5.99
C SER A 232 23.69 -2.81 -6.98
N LEU A 233 23.16 -2.33 -8.09
CA LEU A 233 22.68 -3.25 -9.14
C LEU A 233 23.71 -3.54 -10.20
N ARG A 234 23.59 -4.69 -10.83
CA ARG A 234 24.39 -5.04 -12.00
C ARG A 234 24.06 -4.07 -13.13
N PRO A 235 25.01 -3.88 -14.08
CA PRO A 235 24.68 -3.14 -15.30
C PRO A 235 23.48 -3.78 -15.95
N ASN A 236 22.57 -2.95 -16.46
CA ASN A 236 21.31 -3.40 -17.05
C ASN A 236 20.32 -3.99 -16.06
N GLY A 237 20.57 -3.76 -14.76
CA GLY A 237 19.61 -4.15 -13.72
C GLY A 237 18.50 -3.12 -13.74
N HIS A 238 17.44 -3.39 -12.97
CA HIS A 238 16.25 -2.56 -13.06
C HIS A 238 15.99 -1.91 -11.70
N PHE A 239 16.00 -0.57 -11.70
CA PHE A 239 15.79 0.23 -10.48
C PHE A 239 14.38 0.82 -10.57
N LEU A 240 13.61 0.62 -9.51
CA LEU A 240 12.23 1.11 -9.49
C LEU A 240 11.95 1.93 -8.22
N THR A 241 11.38 3.14 -8.35
CA THR A 241 11.05 3.85 -7.13
C THR A 241 9.54 3.67 -6.86
N ILE A 242 9.20 3.53 -5.58
CA ILE A 242 7.77 3.43 -5.20
C ILE A 242 7.36 4.49 -4.18
N GLY A 243 8.35 5.21 -3.68
CA GLY A 243 8.11 6.23 -2.64
C GLY A 243 9.27 7.20 -2.55
N LEU A 244 9.08 8.26 -1.77
CA LEU A 244 10.07 9.32 -1.62
C LEU A 244 10.17 9.83 -0.18
N LEU A 245 10.46 8.92 0.74
CA LEU A 245 10.42 9.26 2.16
C LEU A 245 11.37 10.40 2.52
N SER A 246 12.47 10.51 1.79
CA SER A 246 13.48 11.54 2.09
C SER A 246 13.06 12.91 1.55
N GLY A 247 12.12 12.92 0.61
CA GLY A 247 11.72 14.14 -0.07
C GLY A 247 12.65 14.60 -1.18
N ILE A 248 13.66 13.80 -1.51
CA ILE A 248 14.74 14.17 -2.44
C ILE A 248 14.82 13.17 -3.59
N GLN A 249 14.72 13.68 -4.82
CA GLN A 249 14.83 12.86 -6.02
C GLN A 249 16.18 12.17 -6.07
N VAL A 250 16.21 10.93 -6.53
CA VAL A 250 17.49 10.30 -6.86
C VAL A 250 18.14 11.00 -8.04
N ASN A 251 19.44 10.79 -8.18
CA ASN A 251 20.17 11.32 -9.32
C ASN A 251 19.94 10.44 -10.56
N TRP A 252 18.77 10.63 -11.19
CA TRP A 252 18.38 9.88 -12.37
C TRP A 252 19.43 9.81 -13.47
N ALA A 253 20.07 10.94 -13.76
CA ALA A 253 21.07 10.99 -14.84
C ALA A 253 22.29 10.09 -14.57
N GLU A 254 22.81 10.17 -13.36
CA GLU A 254 23.98 9.36 -13.00
C GLU A 254 23.65 7.88 -12.91
N ILE A 255 22.50 7.56 -12.35
CA ILE A 255 22.11 6.16 -12.28
C ILE A 255 22.21 5.53 -13.68
N VAL A 256 21.78 6.28 -14.70
CA VAL A 256 21.78 5.78 -16.10
C VAL A 256 23.19 5.76 -16.71
N THR A 257 23.93 6.85 -16.56
CA THR A 257 25.19 7.01 -17.28
C THR A 257 26.36 6.39 -16.52
N LYS A 258 26.39 6.56 -15.19
CA LYS A 258 27.46 5.99 -14.34
C LYS A 258 27.22 4.52 -13.90
N ALA A 259 26.01 4.21 -13.45
CA ALA A 259 25.73 2.85 -12.98
C ALA A 259 25.17 1.92 -14.07
N LYS A 260 24.77 2.49 -15.22
CA LYS A 260 24.27 1.70 -16.37
C LYS A 260 23.01 0.87 -16.07
N VAL A 261 22.13 1.39 -15.23
CA VAL A 261 20.91 0.65 -14.87
C VAL A 261 19.70 1.30 -15.50
N HIS A 262 18.65 0.50 -15.73
CA HIS A 262 17.33 1.01 -16.20
C HIS A 262 16.56 1.50 -14.98
N ALA A 263 15.99 2.71 -15.04
CA ALA A 263 15.26 3.25 -13.91
C ALA A 263 13.84 3.72 -14.27
N ASN A 264 12.89 3.39 -13.41
CA ASN A 264 11.47 3.77 -13.59
C ASN A 264 10.85 4.14 -12.27
N ILE A 265 9.67 4.76 -12.38
CA ILE A 265 8.88 5.14 -11.23
C ILE A 265 7.57 4.36 -11.30
N PHE A 266 7.19 3.69 -10.21
CA PHE A 266 5.93 2.94 -10.20
C PHE A 266 4.86 3.70 -9.44
N HIS A 267 3.66 3.78 -10.04
CA HIS A 267 2.47 4.40 -9.41
C HIS A 267 1.32 3.38 -9.56
N LEU A 268 0.74 2.91 -8.46
CA LEU A 268 -0.49 2.10 -8.56
C LEU A 268 -1.61 2.85 -9.32
N ARG A 269 -1.68 4.15 -9.11
CA ARG A 269 -2.54 5.05 -9.89
C ARG A 269 -2.52 4.70 -11.39
N HIS A 270 -1.32 4.57 -11.92
CA HIS A 270 -1.13 4.29 -13.33
C HIS A 270 -1.45 2.85 -13.67
N TRP A 271 -0.93 1.93 -12.89
CA TRP A 271 -1.20 0.50 -13.16
C TRP A 271 -2.72 0.21 -13.27
N ASN A 272 -3.47 0.73 -12.31
CA ASN A 272 -4.95 0.66 -12.33
C ASN A 272 -5.55 1.03 -13.68
N ASP A 273 -4.98 2.02 -14.34
CA ASP A 273 -5.51 2.48 -15.64
C ASP A 273 -4.93 1.74 -16.84
N GLU A 274 -3.86 0.95 -16.63
CA GLU A 274 -3.13 0.21 -17.67
C GLU A 274 -3.64 -1.19 -17.87
N VAL A 275 -4.52 -1.62 -16.97
CA VAL A 275 -5.09 -2.96 -17.06
C VAL A 275 -6.61 -2.89 -17.10
N SER A 276 -7.27 -3.92 -17.65
CA SER A 276 -8.72 -3.93 -17.68
C SER A 276 -9.29 -4.15 -16.26
N PRO A 277 -10.55 -3.79 -16.06
CA PRO A 277 -11.21 -4.14 -14.80
C PRO A 277 -11.19 -5.64 -14.57
N TYR A 278 -11.29 -6.42 -15.65
CA TYR A 278 -11.29 -7.85 -15.57
C TYR A 278 -9.97 -8.32 -14.96
N LYS A 279 -8.86 -7.81 -15.51
CA LYS A 279 -7.55 -8.18 -15.01
C LYS A 279 -7.33 -7.70 -13.56
N TRP A 280 -7.80 -6.50 -13.29
CA TRP A 280 -7.70 -5.91 -11.93
C TRP A 280 -8.44 -6.84 -10.93
N GLN A 281 -9.68 -7.22 -11.24
CA GLN A 281 -10.42 -8.18 -10.39
C GLN A 281 -9.74 -9.55 -10.26
N GLU A 282 -9.22 -10.09 -11.38
CA GLU A 282 -8.52 -11.36 -11.36
C GLU A 282 -7.29 -11.31 -10.47
N THR A 283 -6.64 -10.16 -10.49
CA THR A 283 -5.44 -9.98 -9.65
C THR A 283 -5.84 -10.02 -8.16
N PHE A 284 -6.95 -9.38 -7.82
CA PHE A 284 -7.43 -9.45 -6.43
C PHE A 284 -7.82 -10.89 -6.07
N ARG A 285 -8.41 -11.61 -7.02
CA ARG A 285 -8.79 -13.00 -6.71
C ARG A 285 -7.59 -13.81 -6.34
N HIS A 286 -6.47 -13.48 -6.97
CA HIS A 286 -5.23 -14.12 -6.71
C HIS A 286 -4.62 -13.82 -5.35
N LEU A 287 -4.61 -12.54 -4.98
CA LEU A 287 -4.12 -12.15 -3.65
C LEU A 287 -5.00 -12.80 -2.57
N ILE A 288 -6.31 -12.82 -2.80
CA ILE A 288 -7.24 -13.41 -1.83
C ILE A 288 -6.91 -14.91 -1.63
N ARG A 289 -6.66 -15.64 -2.73
CA ARG A 289 -6.22 -17.04 -2.61
CA ARG A 289 -6.22 -17.03 -2.62
C ARG A 289 -4.93 -17.18 -1.80
N LEU A 290 -3.96 -16.28 -2.02
CA LEU A 290 -2.68 -16.30 -1.30
C LEU A 290 -2.88 -16.08 0.21
N VAL A 291 -3.79 -15.19 0.56
CA VAL A 291 -4.15 -14.98 1.96
C VAL A 291 -4.88 -16.20 2.53
N GLU A 292 -5.86 -16.72 1.78
CA GLU A 292 -6.63 -17.90 2.25
C GLU A 292 -5.70 -19.07 2.52
N ASN A 293 -4.72 -19.29 1.64
CA ASN A 293 -3.79 -20.42 1.74
C ASN A 293 -2.68 -20.16 2.74
N GLU A 294 -2.73 -19.02 3.41
CA GLU A 294 -1.70 -18.62 4.37
C GLU A 294 -0.27 -18.44 3.80
N GLN A 295 -0.16 -18.15 2.50
CA GLN A 295 1.13 -17.82 1.86
C GLN A 295 1.48 -16.36 2.08
N LEU A 296 0.44 -15.57 2.24
CA LEU A 296 0.58 -14.16 2.49
C LEU A 296 -0.16 -13.76 3.78
N ARG A 297 0.52 -13.07 4.70
CA ARG A 297 -0.12 -12.61 5.93
C ARG A 297 0.17 -11.14 6.12
N PHE A 298 -0.79 -10.41 6.69
CA PHE A 298 -0.64 -8.95 6.77
C PHE A 298 -0.23 -8.57 8.17
N MET A 299 -0.09 -7.27 8.41
CA MET A 299 0.35 -6.78 9.72
CA MET A 299 0.32 -6.71 9.71
C MET A 299 -0.68 -7.01 10.82
N LYS A 300 -0.20 -7.27 12.03
CA LYS A 300 -1.13 -7.42 13.16
C LYS A 300 -1.75 -6.05 13.48
N VAL A 301 -2.86 -6.05 14.22
CA VAL A 301 -3.47 -4.81 14.62
C VAL A 301 -2.69 -4.11 15.75
N HIS A 302 -2.28 -2.87 15.52
CA HIS A 302 -1.70 -2.00 16.58
C HIS A 302 -2.77 -1.45 17.52
N SER A 303 -3.78 -0.79 16.97
CA SER A 303 -4.82 -0.16 17.78
C SER A 303 -5.96 0.23 16.85
N THR A 304 -7.11 0.52 17.45
CA THR A 304 -8.36 0.80 16.74
C THR A 304 -9.06 2.03 17.32
N TYR A 305 -9.65 2.85 16.43
CA TYR A 305 -10.25 4.11 16.81
C TYR A 305 -11.51 4.27 16.02
N GLU A 306 -12.52 4.85 16.65
N GLU A 306 -12.53 4.84 16.66
CA GLU A 306 -13.71 5.22 15.92
CA GLU A 306 -13.72 5.24 15.94
C GLU A 306 -13.40 6.39 14.99
C GLU A 306 -13.36 6.35 14.96
N LEU A 307 -14.12 6.42 13.87
CA LEU A 307 -13.97 7.50 12.90
C LEU A 307 -13.85 8.92 13.54
N ALA A 308 -14.67 9.23 14.57
CA ALA A 308 -14.63 10.54 15.24
C ALA A 308 -13.29 10.87 15.88
N ASP A 309 -12.54 9.83 16.23
CA ASP A 309 -11.26 10.00 16.89
C ASP A 309 -10.09 9.95 15.93
N VAL A 310 -10.32 10.33 14.69
CA VAL A 310 -9.25 10.27 13.67
C VAL A 310 -8.01 11.06 14.04
N LYS A 311 -8.17 12.25 14.63
CA LYS A 311 -6.98 13.02 14.96
C LYS A 311 -6.04 12.26 15.89
N ALA A 312 -6.60 11.62 16.91
CA ALA A 312 -5.76 10.85 17.87
C ALA A 312 -5.07 9.70 17.14
N ALA A 313 -5.82 9.07 16.26
CA ALA A 313 -5.30 7.92 15.50
C ALA A 313 -4.13 8.33 14.61
N VAL A 314 -4.28 9.46 13.93
CA VAL A 314 -3.25 9.92 13.03
C VAL A 314 -1.99 10.27 13.79
N ASP A 315 -2.15 10.89 14.97
CA ASP A 315 -0.99 11.20 15.82
C ASP A 315 -0.18 9.95 16.18
N VAL A 316 -0.85 8.84 16.46
CA VAL A 316 -0.17 7.57 16.73
C VAL A 316 0.63 7.12 15.50
N VAL A 317 -0.01 7.20 14.33
CA VAL A 317 0.65 6.79 13.08
C VAL A 317 1.90 7.63 12.79
N GLN A 318 1.82 8.93 13.04
CA GLN A 318 2.94 9.83 12.78
C GLN A 318 4.01 9.84 13.86
N SER A 319 3.74 9.22 15.01
CA SER A 319 4.62 9.25 16.17
C SER A 319 5.95 8.50 15.94
N ALA A 320 7.06 9.09 16.38
CA ALA A 320 8.39 8.46 16.23
C ALA A 320 8.57 7.24 17.13
N GLU A 321 7.84 7.22 18.24
CA GLU A 321 7.87 6.10 19.18
C GLU A 321 6.93 4.97 18.79
N LYS A 322 6.12 5.17 17.75
CA LYS A 322 5.09 4.20 17.39
C LYS A 322 5.64 2.77 17.35
N THR A 323 4.95 1.84 18.01
CA THR A 323 5.31 0.43 17.95
C THR A 323 4.73 -0.29 16.70
N LYS A 324 4.92 -1.61 16.60
CA LYS A 324 4.65 -2.30 15.33
C LYS A 324 3.16 -2.51 15.11
N GLY A 325 2.76 -2.53 13.85
CA GLY A 325 1.38 -2.85 13.49
C GLY A 325 0.59 -1.71 12.89
N LYS A 326 -0.57 -2.06 12.34
CA LYS A 326 -1.44 -1.13 11.65
C LYS A 326 -2.51 -0.49 12.56
N VAL A 327 -2.71 0.83 12.46
CA VAL A 327 -3.76 1.51 13.18
C VAL A 327 -5.00 1.55 12.28
N PHE A 328 -6.17 1.31 12.82
CA PHE A 328 -7.40 1.32 12.02
C PHE A 328 -8.46 2.26 12.54
N LEU A 329 -9.32 2.69 11.61
CA LEU A 329 -10.52 3.47 11.90
C LEU A 329 -11.69 2.56 11.74
N THR A 330 -12.46 2.38 12.83
CA THR A 330 -13.46 1.33 12.78
C THR A 330 -14.85 1.96 12.96
N SER A 331 -15.87 1.27 12.48
CA SER A 331 -17.23 1.82 12.53
C SER A 331 -18.27 0.76 12.83
N TYR A 332 -18.00 -0.10 13.80
CA TYR A 332 -18.89 -1.22 14.07
C TYR A 332 -20.20 -0.79 14.76
#